data_1NUT
#
_entry.id   1NUT
#
_cell.length_a   79.281
_cell.length_b   79.281
_cell.length_c   146.710
_cell.angle_alpha   90.00
_cell.angle_beta   90.00
_cell.angle_gamma   90.00
#
_symmetry.space_group_name_H-M   'P 43 21 2'
#
loop_
_entity.id
_entity.type
_entity.pdbx_description
1 polymer FKSG76
2 non-polymer 'SULFATE ION'
3 non-polymer 'DIPHOSPHOMETHYLPHOSPHONIC ACID ADENOSYL ESTER'
4 water water
#
_entity_poly.entity_id   1
_entity_poly.type   'polypeptide(L)'
_entity_poly.pdbx_seq_one_letter_code
;MKSRIPVVLLACGSFNPITNMHLRMFEVARDHLHQTGMYQVIQGIISPVNDTYGKKDLAASHHRVAMARLALQTSDWIRV
DPWESEQAQWMETVKVLRHHHSKLLRSPPQMEGPDHGKALFSTPAAVPELKLLCGADVLKTFQTPNLWKDAHIQEIVEKF
GLVCVGRVSHDPKGYIAESPILRMHQHNIHLAKEPVQNEISATYIRRALGQGQSVKYLIPDAVITYIKDHGLYTKGSTWK
GKSTQSTEGKTS
;
_entity_poly.pdbx_strand_id   A,B
#
# COMPACT_ATOMS: atom_id res chain seq x y z
N SER A 3 34.16 -0.39 18.31
CA SER A 3 33.16 -1.51 18.22
C SER A 3 31.87 -1.09 17.52
N ARG A 4 30.83 -1.91 17.70
CA ARG A 4 29.54 -1.66 17.06
C ARG A 4 28.57 -0.80 17.86
N ILE A 5 27.76 -0.03 17.13
CA ILE A 5 26.73 0.81 17.73
C ILE A 5 25.57 -0.12 18.12
N PRO A 6 25.15 -0.10 19.39
CA PRO A 6 24.05 -0.94 19.88
C PRO A 6 22.74 -0.41 19.29
N VAL A 7 21.86 -1.31 18.86
CA VAL A 7 20.61 -0.88 18.25
C VAL A 7 19.38 -1.59 18.82
N VAL A 8 18.29 -0.84 18.96
CA VAL A 8 17.03 -1.42 19.39
C VAL A 8 16.07 -1.18 18.22
N LEU A 9 15.34 -2.22 17.84
CA LEU A 9 14.36 -2.12 16.75
C LEU A 9 12.94 -2.03 17.31
N LEU A 10 12.19 -1.04 16.82
CA LEU A 10 10.83 -0.84 17.26
C LEU A 10 9.88 -1.02 16.09
N ALA A 11 8.95 -1.97 16.22
CA ALA A 11 7.95 -2.19 15.18
C ALA A 11 6.58 -1.77 15.68
N CYS A 12 5.97 -0.78 15.01
CA CYS A 12 4.64 -0.32 15.35
C CYS A 12 3.69 -0.97 14.33
N GLY A 13 2.42 -1.06 14.66
CA GLY A 13 1.47 -1.64 13.73
C GLY A 13 0.28 -2.25 14.46
N SER A 14 -0.62 -2.87 13.71
CA SER A 14 -1.80 -3.47 14.32
C SER A 14 -1.54 -4.82 15.01
N PHE A 15 -0.80 -5.71 14.33
CA PHE A 15 -0.52 -7.04 14.87
C PHE A 15 -1.89 -7.61 15.26
N ASN A 16 -2.73 -7.75 14.24
CA ASN A 16 -4.13 -8.17 14.34
C ASN A 16 -4.48 -9.40 13.49
N PRO A 17 -3.90 -10.56 13.80
CA PRO A 17 -2.92 -10.90 14.82
C PRO A 17 -1.49 -10.84 14.33
N ILE A 18 -0.54 -11.02 15.25
CA ILE A 18 0.86 -11.03 14.84
C ILE A 18 1.02 -12.30 13.97
N THR A 19 1.82 -12.20 12.91
CA THR A 19 2.00 -13.32 11.98
C THR A 19 3.48 -13.73 11.89
N ASN A 20 3.74 -14.86 11.25
CA ASN A 20 5.13 -15.27 11.07
C ASN A 20 5.90 -14.24 10.24
N MET A 21 5.19 -13.52 9.36
CA MET A 21 5.88 -12.52 8.54
C MET A 21 6.33 -11.32 9.39
N HIS A 22 5.49 -10.88 10.34
CA HIS A 22 5.86 -9.77 11.23
C HIS A 22 7.10 -10.16 12.01
N LEU A 23 7.17 -11.42 12.41
CA LEU A 23 8.32 -11.90 13.20
C LEU A 23 9.55 -12.03 12.30
N ARG A 24 9.35 -12.55 11.10
CA ARG A 24 10.46 -12.71 10.15
C ARG A 24 11.10 -11.33 9.90
N MET A 25 10.26 -10.29 9.86
CA MET A 25 10.73 -8.92 9.62
C MET A 25 11.87 -8.55 10.58
N PHE A 26 11.74 -8.90 11.86
CA PHE A 26 12.79 -8.62 12.84
C PHE A 26 14.09 -9.39 12.57
N GLU A 27 13.95 -10.67 12.27
CA GLU A 27 15.12 -11.49 12.03
C GLU A 27 15.89 -10.98 10.79
N VAL A 28 15.15 -10.65 9.72
CA VAL A 28 15.79 -10.15 8.50
C VAL A 28 16.49 -8.81 8.76
N ALA A 29 15.82 -7.93 9.48
CA ALA A 29 16.42 -6.63 9.81
C ALA A 29 17.68 -6.79 10.67
N ARG A 30 17.63 -7.67 11.66
CA ARG A 30 18.81 -7.87 12.51
C ARG A 30 20.01 -8.39 11.70
N ASP A 31 19.80 -9.42 10.89
CA ASP A 31 20.90 -9.95 10.10
C ASP A 31 21.48 -8.87 9.17
N HIS A 32 20.60 -8.05 8.58
CA HIS A 32 21.07 -6.99 7.68
C HIS A 32 21.94 -5.99 8.43
N LEU A 33 21.47 -5.48 9.55
CA LEU A 33 22.25 -4.53 10.33
C LEU A 33 23.59 -5.13 10.77
N HIS A 34 23.58 -6.41 11.17
CA HIS A 34 24.83 -7.05 11.60
C HIS A 34 25.82 -7.22 10.46
N GLN A 35 25.30 -7.53 9.27
CA GLN A 35 26.14 -7.72 8.12
C GLN A 35 26.85 -6.43 7.70
N THR A 36 26.32 -5.27 8.08
CA THR A 36 26.98 -4.02 7.71
C THR A 36 28.26 -3.91 8.53
N GLY A 37 28.36 -4.74 9.56
CA GLY A 37 29.52 -4.71 10.41
C GLY A 37 29.61 -3.59 11.42
N MET A 38 28.67 -2.65 11.40
CA MET A 38 28.76 -1.54 12.35
C MET A 38 27.69 -1.43 13.44
N TYR A 39 26.72 -2.35 13.43
CA TYR A 39 25.66 -2.34 14.43
C TYR A 39 25.56 -3.66 15.17
N GLN A 40 25.03 -3.59 16.38
CA GLN A 40 24.76 -4.78 17.16
C GLN A 40 23.34 -4.63 17.68
N VAL A 41 22.42 -5.44 17.15
CA VAL A 41 21.05 -5.34 17.60
C VAL A 41 20.90 -6.04 18.94
N ILE A 42 20.51 -5.28 19.96
CA ILE A 42 20.37 -5.84 21.30
C ILE A 42 18.95 -6.15 21.74
N GLN A 43 17.95 -5.63 21.03
CA GLN A 43 16.57 -5.89 21.40
C GLN A 43 15.60 -5.48 20.31
N GLY A 44 14.47 -6.15 20.29
CA GLY A 44 13.42 -5.85 19.34
C GLY A 44 12.16 -5.63 20.16
N ILE A 45 11.38 -4.63 19.78
CA ILE A 45 10.14 -4.30 20.48
C ILE A 45 8.92 -4.27 19.56
N ILE A 46 7.90 -5.07 19.90
CA ILE A 46 6.65 -5.09 19.15
C ILE A 46 5.71 -4.19 19.93
N SER A 47 5.21 -3.13 19.29
CA SER A 47 4.30 -2.19 19.97
C SER A 47 2.96 -2.08 19.27
N PRO A 48 1.99 -2.90 19.70
CA PRO A 48 0.65 -2.90 19.11
C PRO A 48 -0.06 -1.55 19.26
N VAL A 49 -0.75 -1.15 18.20
CA VAL A 49 -1.45 0.14 18.21
C VAL A 49 -2.64 0.15 19.16
N ASN A 50 -2.92 1.37 19.64
CA ASN A 50 -3.99 1.68 20.56
C ASN A 50 -5.33 1.33 19.90
N ASP A 51 -6.33 0.98 20.70
CA ASP A 51 -7.64 0.68 20.16
C ASP A 51 -8.38 1.88 19.56
N THR A 52 -8.03 3.10 19.95
CA THR A 52 -8.75 4.26 19.39
C THR A 52 -8.34 4.55 17.95
N TYR A 53 -7.26 3.91 17.51
CA TYR A 53 -6.77 4.13 16.15
C TYR A 53 -7.69 3.69 15.02
N GLY A 54 -7.59 4.47 13.94
CA GLY A 54 -8.30 4.21 12.70
C GLY A 54 -9.74 3.75 12.65
N LYS A 55 -10.11 3.37 11.42
CA LYS A 55 -11.44 2.92 11.07
C LYS A 55 -11.65 1.43 11.29
N LYS A 56 -10.77 0.62 10.71
CA LYS A 56 -10.87 -0.83 10.84
C LYS A 56 -11.10 -1.25 12.29
N ASP A 57 -11.97 -2.23 12.47
CA ASP A 57 -12.27 -2.75 13.79
C ASP A 57 -11.30 -3.89 14.14
N LEU A 58 -10.36 -3.60 15.04
CA LEU A 58 -9.32 -4.53 15.49
C LEU A 58 -9.65 -5.30 16.76
N ALA A 59 -9.04 -6.47 16.94
CA ALA A 59 -9.26 -7.23 18.18
C ALA A 59 -8.81 -6.29 19.31
N ALA A 60 -9.34 -6.45 20.52
CA ALA A 60 -8.93 -5.58 21.63
C ALA A 60 -7.42 -5.58 21.81
N SER A 61 -6.84 -4.44 22.18
CA SER A 61 -5.39 -4.42 22.36
C SER A 61 -4.94 -5.42 23.43
N HIS A 62 -5.81 -5.71 24.39
CA HIS A 62 -5.48 -6.66 25.44
C HIS A 62 -5.10 -8.00 24.78
N HIS A 63 -5.88 -8.40 23.79
CA HIS A 63 -5.63 -9.65 23.06
C HIS A 63 -4.43 -9.55 22.11
N ARG A 64 -4.26 -8.42 21.42
CA ARG A 64 -3.14 -8.31 20.48
C ARG A 64 -1.79 -8.33 21.21
N VAL A 65 -1.74 -7.70 22.39
CA VAL A 65 -0.54 -7.73 23.22
C VAL A 65 -0.32 -9.17 23.72
N ALA A 66 -1.40 -9.86 24.12
CA ALA A 66 -1.25 -11.22 24.63
C ALA A 66 -0.70 -12.16 23.53
N MET A 67 -1.27 -12.02 22.34
CA MET A 67 -0.84 -12.86 21.21
C MET A 67 0.63 -12.60 20.88
N ALA A 68 1.05 -11.33 20.92
CA ALA A 68 2.45 -11.02 20.64
C ALA A 68 3.33 -11.65 21.73
N ARG A 69 2.92 -11.53 22.99
CA ARG A 69 3.71 -12.12 24.08
C ARG A 69 3.89 -13.62 23.87
N LEU A 70 2.79 -14.30 23.54
CA LEU A 70 2.82 -15.76 23.33
C LEU A 70 3.68 -16.11 22.11
N ALA A 71 3.55 -15.33 21.05
CA ALA A 71 4.33 -15.55 19.82
C ALA A 71 5.81 -15.42 20.10
N LEU A 72 6.15 -14.50 21.01
CA LEU A 72 7.52 -14.20 21.35
C LEU A 72 8.18 -15.02 22.44
N GLN A 73 7.47 -15.99 22.99
CA GLN A 73 8.02 -16.82 24.03
C GLN A 73 9.29 -17.55 23.54
N THR A 74 9.35 -17.92 22.26
CA THR A 74 10.54 -18.61 21.72
C THR A 74 11.58 -17.67 21.11
N SER A 75 11.46 -16.37 21.37
CA SER A 75 12.45 -15.41 20.87
C SER A 75 13.29 -15.01 22.08
N ASP A 76 14.60 -14.89 21.93
CA ASP A 76 15.42 -14.47 23.07
C ASP A 76 15.81 -13.00 22.97
N TRP A 77 15.23 -12.28 22.01
CA TRP A 77 15.59 -10.85 21.91
C TRP A 77 14.45 -9.89 21.56
N ILE A 78 13.29 -10.41 21.18
CA ILE A 78 12.16 -9.56 20.82
C ILE A 78 11.09 -9.68 21.91
N ARG A 79 10.55 -8.54 22.38
CA ARG A 79 9.51 -8.55 23.38
C ARG A 79 8.39 -7.63 22.97
N VAL A 80 7.20 -7.83 23.53
CA VAL A 80 6.10 -6.95 23.23
C VAL A 80 6.06 -5.88 24.32
N ASP A 81 5.76 -4.65 23.97
CA ASP A 81 5.66 -3.58 24.97
C ASP A 81 4.28 -2.96 24.80
N PRO A 82 3.41 -3.11 25.81
CA PRO A 82 2.05 -2.59 25.77
C PRO A 82 1.85 -1.08 26.01
N TRP A 83 2.92 -0.38 26.39
CA TRP A 83 2.79 1.06 26.68
C TRP A 83 1.91 1.84 25.72
N GLU A 84 2.21 1.76 24.43
CA GLU A 84 1.43 2.48 23.43
C GLU A 84 -0.06 2.14 23.43
N SER A 85 -0.38 0.86 23.53
CA SER A 85 -1.78 0.47 23.49
C SER A 85 -2.50 0.81 24.80
N GLU A 86 -1.76 1.07 25.87
CA GLU A 86 -2.35 1.40 27.17
C GLU A 86 -2.64 2.88 27.34
N GLN A 87 -2.18 3.69 26.40
CA GLN A 87 -2.41 5.13 26.47
C GLN A 87 -3.86 5.44 26.16
N ALA A 88 -4.36 6.52 26.75
CA ALA A 88 -5.74 6.92 26.56
C ALA A 88 -6.15 6.97 25.10
N GLN A 89 -5.27 7.48 24.24
CA GLN A 89 -5.60 7.50 22.83
C GLN A 89 -4.43 7.28 21.88
N TRP A 90 -4.76 7.04 20.61
CA TRP A 90 -3.78 6.80 19.56
C TRP A 90 -2.71 7.87 19.61
N MET A 91 -1.50 7.44 19.31
CA MET A 91 -0.35 8.31 19.35
C MET A 91 0.43 8.23 18.04
N GLU A 92 0.96 9.36 17.59
CA GLU A 92 1.73 9.38 16.37
C GLU A 92 3.02 8.58 16.55
N THR A 93 3.49 7.95 15.48
CA THR A 93 4.68 7.12 15.56
C THR A 93 5.85 7.82 16.23
N VAL A 94 6.11 9.07 15.84
CA VAL A 94 7.24 9.79 16.41
C VAL A 94 7.17 9.87 17.94
N LYS A 95 5.97 10.00 18.51
CA LYS A 95 5.85 10.07 19.96
C LYS A 95 6.17 8.73 20.66
N VAL A 96 5.87 7.62 19.99
CA VAL A 96 6.18 6.31 20.57
C VAL A 96 7.68 6.14 20.54
N LEU A 97 8.32 6.59 19.46
CA LEU A 97 9.78 6.49 19.38
C LEU A 97 10.44 7.30 20.52
N ARG A 98 9.94 8.52 20.74
CA ARG A 98 10.47 9.39 21.79
C ARG A 98 10.33 8.72 23.15
N HIS A 99 9.17 8.12 23.39
CA HIS A 99 8.94 7.44 24.67
C HIS A 99 9.97 6.31 24.87
N HIS A 100 10.10 5.44 23.88
CA HIS A 100 11.03 4.33 24.05
C HIS A 100 12.46 4.79 24.08
N HIS A 101 12.74 5.91 23.42
CA HIS A 101 14.10 6.45 23.46
C HIS A 101 14.34 6.89 24.92
N SER A 102 13.38 7.57 25.53
CA SER A 102 13.54 8.02 26.91
C SER A 102 13.78 6.83 27.83
N LYS A 103 13.07 5.75 27.56
CA LYS A 103 13.18 4.54 28.36
C LYS A 103 14.61 4.04 28.35
N LEU A 104 15.28 4.12 27.22
CA LEU A 104 16.66 3.67 27.12
C LEU A 104 17.62 4.58 27.87
N LEU A 105 17.12 5.72 28.35
CA LEU A 105 17.95 6.66 29.07
C LEU A 105 17.80 6.46 30.58
N ALA A 126 26.47 6.96 25.99
CA ALA A 126 26.56 5.54 25.63
C ALA A 126 25.15 4.96 25.46
N VAL A 127 24.33 5.65 24.67
CA VAL A 127 22.95 5.22 24.42
C VAL A 127 22.80 4.49 23.09
N PRO A 128 22.08 3.36 23.08
CA PRO A 128 21.90 2.65 21.81
C PRO A 128 21.00 3.46 20.89
N GLU A 129 21.10 3.22 19.60
CA GLU A 129 20.27 3.91 18.64
C GLU A 129 18.94 3.14 18.45
N LEU A 130 17.83 3.84 18.57
CA LEU A 130 16.49 3.28 18.44
C LEU A 130 16.00 3.52 17.01
N LYS A 131 15.71 2.44 16.28
CA LYS A 131 15.26 2.57 14.91
C LYS A 131 13.88 1.97 14.66
N LEU A 132 13.10 2.64 13.83
CA LEU A 132 11.76 2.16 13.51
C LEU A 132 11.93 1.03 12.51
N LEU A 133 11.27 -0.11 12.74
CA LEU A 133 11.36 -1.23 11.80
C LEU A 133 9.99 -1.33 11.08
N CYS A 134 10.00 -1.38 9.76
CA CYS A 134 8.74 -1.51 9.00
C CYS A 134 8.94 -2.10 7.63
N GLY A 135 7.83 -2.40 6.97
CA GLY A 135 7.87 -2.94 5.63
C GLY A 135 7.94 -1.78 4.65
N ALA A 136 8.38 -2.06 3.43
CA ALA A 136 8.50 -1.02 2.40
C ALA A 136 7.17 -0.35 2.08
N ASP A 137 6.05 -1.02 2.35
CA ASP A 137 4.76 -0.40 2.06
C ASP A 137 4.55 0.83 2.96
N VAL A 138 5.05 0.75 4.19
CA VAL A 138 4.92 1.86 5.13
C VAL A 138 5.76 3.02 4.62
N LEU A 139 6.93 2.70 4.07
CA LEU A 139 7.81 3.76 3.57
C LEU A 139 7.14 4.50 2.43
N LYS A 140 6.31 3.80 1.65
CA LYS A 140 5.61 4.43 0.56
C LYS A 140 4.56 5.42 1.07
N THR A 141 3.99 5.18 2.26
CA THR A 141 2.97 6.09 2.77
C THR A 141 3.50 7.47 3.13
N PHE A 142 4.82 7.63 3.26
CA PHE A 142 5.36 8.94 3.57
C PHE A 142 4.94 9.95 2.49
N GLN A 143 4.71 9.44 1.29
CA GLN A 143 4.32 10.24 0.13
C GLN A 143 2.86 10.68 0.14
N THR A 144 2.02 9.92 0.83
CA THR A 144 0.61 10.24 0.88
C THR A 144 0.30 11.64 1.42
N PRO A 145 -0.50 12.41 0.67
CA PRO A 145 -0.89 13.77 1.07
C PRO A 145 -1.63 13.80 2.40
N ASN A 146 -1.17 14.66 3.30
CA ASN A 146 -1.79 14.84 4.63
C ASN A 146 -1.78 13.61 5.52
N LEU A 147 -0.80 12.74 5.33
CA LEU A 147 -0.72 11.54 6.15
C LEU A 147 0.30 11.72 7.25
N TRP A 148 1.51 12.15 6.87
CA TRP A 148 2.58 12.37 7.84
C TRP A 148 2.97 13.84 7.86
N LYS A 149 3.34 14.36 9.02
CA LYS A 149 3.79 15.75 9.08
C LYS A 149 5.26 15.67 8.64
N ASP A 150 5.66 16.55 7.73
CA ASP A 150 7.03 16.56 7.25
C ASP A 150 8.04 16.56 8.39
N ALA A 151 7.72 17.31 9.44
CA ALA A 151 8.61 17.40 10.57
C ALA A 151 8.77 16.04 11.25
N HIS A 152 7.72 15.22 11.22
CA HIS A 152 7.78 13.89 11.84
C HIS A 152 8.62 12.97 11.00
N ILE A 153 8.45 13.06 9.69
CA ILE A 153 9.23 12.23 8.79
C ILE A 153 10.69 12.56 9.03
N GLN A 154 11.01 13.84 9.12
CA GLN A 154 12.40 14.22 9.33
C GLN A 154 12.95 13.74 10.66
N GLU A 155 12.20 13.92 11.73
CA GLU A 155 12.67 13.47 13.03
C GLU A 155 12.87 11.95 13.06
N ILE A 156 11.96 11.22 12.41
CA ILE A 156 12.08 9.76 12.37
C ILE A 156 13.35 9.35 11.64
N VAL A 157 13.60 9.87 10.45
CA VAL A 157 14.81 9.41 9.77
C VAL A 157 16.09 10.03 10.30
N GLU A 158 16.02 11.22 10.89
CA GLU A 158 17.25 11.85 11.40
C GLU A 158 17.63 11.50 12.83
N LYS A 159 16.67 11.54 13.75
CA LYS A 159 16.97 11.26 15.16
C LYS A 159 16.86 9.81 15.57
N PHE A 160 16.12 9.01 14.80
CA PHE A 160 15.99 7.61 15.15
C PHE A 160 16.60 6.66 14.10
N GLY A 161 15.99 6.62 12.93
CA GLY A 161 16.50 5.72 11.92
C GLY A 161 15.37 4.82 11.47
N LEU A 162 15.52 4.27 10.26
CA LEU A 162 14.48 3.43 9.70
C LEU A 162 15.13 2.17 9.08
N VAL A 163 14.59 1.00 9.40
CA VAL A 163 15.09 -0.25 8.83
C VAL A 163 13.86 -0.76 8.09
N CYS A 164 13.96 -0.81 6.77
CA CYS A 164 12.83 -1.20 5.94
C CYS A 164 13.04 -2.55 5.29
N VAL A 165 12.07 -3.47 5.48
CA VAL A 165 12.17 -4.79 4.85
C VAL A 165 11.39 -4.78 3.52
N GLY A 166 12.00 -5.33 2.50
CA GLY A 166 11.40 -5.34 1.18
C GLY A 166 10.08 -6.08 1.10
N ARG A 167 9.23 -5.60 0.20
CA ARG A 167 7.92 -6.19 -0.06
C ARG A 167 7.68 -6.17 -1.55
N VAL A 168 7.01 -7.20 -2.04
CA VAL A 168 6.73 -7.30 -3.46
C VAL A 168 5.95 -6.09 -3.94
N SER A 169 6.33 -5.55 -5.09
CA SER A 169 5.62 -4.41 -5.64
C SER A 169 6.09 -3.05 -5.16
N HIS A 170 7.03 -3.02 -4.23
CA HIS A 170 7.53 -1.75 -3.70
C HIS A 170 8.98 -1.53 -4.08
N ASP A 171 9.33 -0.29 -4.37
CA ASP A 171 10.70 0.04 -4.75
C ASP A 171 11.27 1.09 -3.79
N PRO A 172 11.67 0.66 -2.57
CA PRO A 172 12.23 1.49 -1.49
C PRO A 172 13.31 2.45 -1.99
N LYS A 173 14.22 1.94 -2.84
CA LYS A 173 15.27 2.80 -3.34
C LYS A 173 14.69 4.03 -4.06
N GLY A 174 13.64 3.81 -4.86
CA GLY A 174 13.00 4.90 -5.57
C GLY A 174 12.26 5.83 -4.62
N TYR A 175 11.60 5.28 -3.60
CA TYR A 175 10.88 6.15 -2.65
C TYR A 175 11.90 7.10 -1.99
N ILE A 176 13.05 6.55 -1.63
CA ILE A 176 14.07 7.38 -1.00
C ILE A 176 14.62 8.46 -1.96
N ALA A 177 14.90 8.07 -3.20
CA ALA A 177 15.46 9.03 -4.15
C ALA A 177 14.49 10.16 -4.51
N GLU A 178 13.19 9.88 -4.47
CA GLU A 178 12.18 10.87 -4.83
C GLU A 178 11.65 11.73 -3.69
N SER A 179 12.19 11.52 -2.49
CA SER A 179 11.76 12.32 -1.34
C SER A 179 12.99 13.10 -0.87
N PRO A 180 12.95 14.43 -0.97
CA PRO A 180 14.11 15.21 -0.54
C PRO A 180 14.51 14.97 0.92
N ILE A 181 13.53 14.68 1.78
CA ILE A 181 13.85 14.46 3.18
C ILE A 181 14.54 13.12 3.38
N LEU A 182 14.01 12.08 2.73
CA LEU A 182 14.60 10.74 2.86
C LEU A 182 15.95 10.73 2.17
N ARG A 183 16.01 11.37 1.01
CA ARG A 183 17.27 11.40 0.28
C ARG A 183 18.38 12.04 1.13
N MET A 184 18.07 13.16 1.77
CA MET A 184 19.05 13.87 2.57
C MET A 184 19.55 13.05 3.75
N HIS A 185 18.70 12.19 4.29
CA HIS A 185 19.07 11.36 5.44
C HIS A 185 19.13 9.87 5.12
N GLN A 186 19.41 9.54 3.86
CA GLN A 186 19.39 8.13 3.47
C GLN A 186 20.36 7.20 4.20
N HIS A 187 21.41 7.79 4.81
CA HIS A 187 22.39 7.03 5.56
C HIS A 187 21.73 6.42 6.80
N ASN A 188 20.61 7.00 7.23
CA ASN A 188 19.88 6.49 8.39
C ASN A 188 18.71 5.59 8.01
N ILE A 189 18.62 5.22 6.74
CA ILE A 189 17.55 4.33 6.28
C ILE A 189 18.27 3.07 5.78
N HIS A 190 17.98 1.93 6.39
CA HIS A 190 18.65 0.69 6.03
C HIS A 190 17.68 -0.25 5.32
N LEU A 191 17.95 -0.55 4.05
CA LEU A 191 17.08 -1.42 3.30
C LEU A 191 17.54 -2.86 3.39
N ALA A 192 16.70 -3.68 4.00
CA ALA A 192 16.99 -5.11 4.16
C ALA A 192 16.00 -5.92 3.33
N LYS A 193 16.43 -7.08 2.86
CA LYS A 193 15.52 -7.93 2.09
C LYS A 193 16.11 -9.32 1.97
N GLU A 194 15.23 -10.29 1.71
CA GLU A 194 15.67 -11.65 1.53
C GLU A 194 14.93 -12.22 0.34
N PRO A 195 15.58 -13.14 -0.40
CA PRO A 195 15.04 -13.80 -1.59
C PRO A 195 13.84 -14.70 -1.30
N VAL A 196 12.99 -14.28 -0.35
CA VAL A 196 11.81 -15.07 0.00
C VAL A 196 10.52 -14.28 -0.19
N GLN A 197 9.64 -14.81 -1.02
CA GLN A 197 8.37 -14.16 -1.28
C GLN A 197 7.42 -14.64 -0.19
N ASN A 198 7.26 -13.82 0.84
CA ASN A 198 6.42 -14.16 1.98
C ASN A 198 5.36 -13.09 2.14
N GLU A 199 4.40 -13.06 1.23
CA GLU A 199 3.32 -12.09 1.29
C GLU A 199 2.05 -12.71 1.91
N ILE A 200 2.02 -12.71 3.24
CA ILE A 200 0.90 -13.21 4.03
C ILE A 200 0.32 -11.97 4.65
N SER A 201 -0.96 -11.69 4.41
CA SER A 201 -1.50 -10.50 5.04
C SER A 201 -2.36 -10.92 6.22
N ALA A 202 -2.30 -10.16 7.31
CA ALA A 202 -3.13 -10.47 8.48
C ALA A 202 -4.59 -10.38 8.04
N THR A 203 -4.88 -9.56 7.05
CA THR A 203 -6.27 -9.48 6.57
C THR A 203 -6.68 -10.88 6.09
N TYR A 204 -5.84 -11.54 5.30
CA TYR A 204 -6.17 -12.88 4.83
C TYR A 204 -6.31 -13.81 6.04
N ILE A 205 -5.37 -13.69 6.97
CA ILE A 205 -5.42 -14.52 8.17
C ILE A 205 -6.78 -14.42 8.87
N ARG A 206 -7.25 -13.20 9.14
CA ARG A 206 -8.55 -13.03 9.81
C ARG A 206 -9.72 -13.65 9.01
N ARG A 207 -9.73 -13.44 7.69
CA ARG A 207 -10.80 -13.96 6.84
C ARG A 207 -10.84 -15.48 6.89
N ALA A 208 -9.66 -16.09 6.78
CA ALA A 208 -9.53 -17.53 6.83
C ALA A 208 -10.04 -18.05 8.16
N LEU A 209 -9.62 -17.41 9.26
CA LEU A 209 -10.08 -17.84 10.60
C LEU A 209 -11.61 -17.72 10.68
N GLY A 210 -12.13 -16.64 10.10
CA GLY A 210 -13.57 -16.44 10.12
C GLY A 210 -14.33 -17.49 9.37
N GLN A 211 -13.67 -18.11 8.38
CA GLN A 211 -14.29 -19.17 7.58
C GLN A 211 -13.95 -20.56 8.12
N GLY A 212 -13.29 -20.62 9.27
CA GLY A 212 -12.96 -21.92 9.85
C GLY A 212 -11.81 -22.64 9.18
N GLN A 213 -11.06 -21.95 8.34
CA GLN A 213 -9.92 -22.55 7.67
C GLN A 213 -8.66 -22.47 8.53
N SER A 214 -7.67 -23.28 8.19
CA SER A 214 -6.43 -23.29 8.97
C SER A 214 -5.49 -22.17 8.59
N VAL A 215 -4.79 -21.63 9.58
CA VAL A 215 -3.74 -20.65 9.31
C VAL A 215 -2.47 -21.19 9.97
N LYS A 216 -2.47 -22.49 10.27
CA LYS A 216 -1.28 -23.11 10.90
C LYS A 216 -0.12 -22.96 9.92
N TYR A 217 1.07 -22.69 10.47
CA TYR A 217 2.31 -22.47 9.75
C TYR A 217 2.37 -21.10 9.06
N LEU A 218 1.33 -20.26 9.22
CA LEU A 218 1.33 -18.87 8.72
C LEU A 218 1.50 -17.94 9.91
N ILE A 219 0.97 -18.35 11.07
CA ILE A 219 1.14 -17.58 12.30
C ILE A 219 1.56 -18.60 13.38
N PRO A 220 2.20 -18.13 14.46
CA PRO A 220 2.62 -19.10 15.47
C PRO A 220 1.53 -19.98 16.10
N ASP A 221 1.91 -21.21 16.41
CA ASP A 221 1.00 -22.17 17.04
C ASP A 221 0.43 -21.58 18.32
N ALA A 222 1.26 -20.88 19.08
CA ALA A 222 0.80 -20.32 20.36
C ALA A 222 -0.28 -19.27 20.13
N VAL A 223 -0.21 -18.56 19.00
CA VAL A 223 -1.20 -17.51 18.71
C VAL A 223 -2.54 -18.15 18.31
N ILE A 224 -2.45 -19.23 17.54
CA ILE A 224 -3.64 -19.93 17.12
C ILE A 224 -4.40 -20.46 18.34
N THR A 225 -3.66 -21.00 19.30
CA THR A 225 -4.26 -21.55 20.52
C THR A 225 -5.02 -20.44 21.27
N TYR A 226 -4.41 -19.28 21.38
CA TYR A 226 -5.06 -18.16 22.08
C TYR A 226 -6.32 -17.72 21.34
N ILE A 227 -6.25 -17.62 20.02
CA ILE A 227 -7.40 -17.20 19.23
C ILE A 227 -8.56 -18.19 19.43
N LYS A 228 -8.25 -19.48 19.43
CA LYS A 228 -9.29 -20.48 19.62
C LYS A 228 -9.87 -20.41 21.04
N ASP A 229 -8.99 -20.40 22.04
CA ASP A 229 -9.41 -20.35 23.43
C ASP A 229 -10.26 -19.12 23.76
N HIS A 230 -10.01 -18.01 23.07
CA HIS A 230 -10.74 -16.78 23.36
C HIS A 230 -11.75 -16.37 22.30
N GLY A 231 -12.00 -17.28 21.36
CA GLY A 231 -12.98 -17.04 20.32
C GLY A 231 -12.81 -15.76 19.55
N LEU A 232 -11.58 -15.48 19.13
CA LEU A 232 -11.32 -14.26 18.40
C LEU A 232 -11.49 -14.46 16.90
N TYR A 233 -11.68 -13.35 16.19
CA TYR A 233 -11.82 -13.36 14.74
C TYR A 233 -12.96 -14.20 14.20
N THR A 234 -14.06 -14.26 14.94
CA THR A 234 -15.24 -15.00 14.49
C THR A 234 -15.98 -14.17 13.46
N SER B 3 -30.82 -8.68 -21.70
CA SER B 3 -29.60 -8.14 -22.35
C SER B 3 -28.60 -7.65 -21.30
N ARG B 4 -27.39 -7.33 -21.75
CA ARG B 4 -26.34 -6.87 -20.85
C ARG B 4 -26.32 -5.38 -20.58
N ILE B 5 -25.81 -5.02 -19.40
CA ILE B 5 -25.69 -3.63 -18.98
C ILE B 5 -24.38 -3.06 -19.49
N PRO B 6 -24.43 -1.91 -20.20
CA PRO B 6 -23.22 -1.27 -20.74
C PRO B 6 -22.40 -0.70 -19.60
N VAL B 7 -21.09 -0.91 -19.64
CA VAL B 7 -20.21 -0.44 -18.59
C VAL B 7 -19.03 0.32 -19.18
N VAL B 8 -18.66 1.39 -18.48
CA VAL B 8 -17.50 2.19 -18.86
C VAL B 8 -16.56 2.08 -17.66
N LEU B 9 -15.29 1.75 -17.89
CA LEU B 9 -14.34 1.67 -16.77
C LEU B 9 -13.46 2.91 -16.77
N LEU B 10 -13.31 3.51 -15.59
CA LEU B 10 -12.50 4.71 -15.40
C LEU B 10 -11.35 4.42 -14.42
N ALA B 11 -10.12 4.68 -14.86
CA ALA B 11 -8.97 4.47 -14.00
C ALA B 11 -8.26 5.78 -13.74
N CYS B 12 -8.18 6.16 -12.48
CA CYS B 12 -7.49 7.38 -12.09
C CYS B 12 -6.12 6.94 -11.57
N GLY B 13 -5.18 7.88 -11.50
CA GLY B 13 -3.85 7.56 -10.99
C GLY B 13 -2.81 8.50 -11.59
N SER B 14 -1.54 8.24 -11.29
CA SER B 14 -0.48 9.11 -11.78
C SER B 14 -0.03 8.80 -13.19
N PHE B 15 0.07 7.50 -13.52
CA PHE B 15 0.53 7.05 -14.84
C PHE B 15 1.80 7.83 -15.16
N ASN B 16 2.77 7.66 -14.28
CA ASN B 16 4.03 8.38 -14.34
C ASN B 16 5.28 7.49 -14.44
N PRO B 17 5.46 6.78 -15.57
CA PRO B 17 4.60 6.70 -16.77
C PRO B 17 3.63 5.53 -16.75
N ILE B 18 2.78 5.45 -17.77
CA ILE B 18 1.85 4.35 -17.90
C ILE B 18 2.71 3.11 -18.18
N THR B 19 2.33 1.96 -17.61
CA THR B 19 3.10 0.73 -17.78
C THR B 19 2.21 -0.38 -18.37
N ASN B 20 2.82 -1.50 -18.74
CA ASN B 20 2.05 -2.62 -19.27
C ASN B 20 1.09 -3.16 -18.21
N MET B 21 1.40 -2.96 -16.93
CA MET B 21 0.52 -3.44 -15.86
C MET B 21 -0.78 -2.62 -15.79
N HIS B 22 -0.66 -1.30 -15.94
CA HIS B 22 -1.83 -0.42 -15.91
C HIS B 22 -2.75 -0.84 -17.05
N LEU B 23 -2.15 -1.15 -18.19
CA LEU B 23 -2.89 -1.55 -19.38
C LEU B 23 -3.55 -2.93 -19.16
N ARG B 24 -2.78 -3.88 -18.63
CA ARG B 24 -3.29 -5.21 -18.37
C ARG B 24 -4.51 -5.16 -17.43
N MET B 25 -4.48 -4.23 -16.49
CA MET B 25 -5.57 -4.06 -15.53
C MET B 25 -6.91 -3.91 -16.27
N PHE B 26 -6.96 -3.11 -17.33
CA PHE B 26 -8.23 -2.97 -18.07
C PHE B 26 -8.70 -4.26 -18.71
N GLU B 27 -7.77 -4.97 -19.32
CA GLU B 27 -8.07 -6.23 -20.01
C GLU B 27 -8.62 -7.29 -19.06
N VAL B 28 -8.03 -7.38 -17.88
CA VAL B 28 -8.46 -8.37 -16.88
C VAL B 28 -9.86 -7.99 -16.34
N ALA B 29 -10.03 -6.71 -16.07
CA ALA B 29 -11.31 -6.20 -15.56
C ALA B 29 -12.44 -6.44 -16.57
N ARG B 30 -12.16 -6.22 -17.84
CA ARG B 30 -13.17 -6.42 -18.87
C ARG B 30 -13.56 -7.89 -19.01
N ASP B 31 -12.55 -8.78 -19.12
CA ASP B 31 -12.85 -10.21 -19.24
C ASP B 31 -13.67 -10.66 -18.02
N HIS B 32 -13.31 -10.18 -16.84
CA HIS B 32 -14.03 -10.54 -15.62
C HIS B 32 -15.52 -10.14 -15.68
N LEU B 33 -15.78 -8.89 -16.05
CA LEU B 33 -17.15 -8.38 -16.14
C LEU B 33 -17.95 -9.10 -17.20
N HIS B 34 -17.29 -9.49 -18.28
CA HIS B 34 -17.99 -10.19 -19.35
C HIS B 34 -18.34 -11.60 -18.91
N GLN B 35 -17.44 -12.23 -18.17
CA GLN B 35 -17.65 -13.58 -17.71
C GLN B 35 -18.85 -13.70 -16.77
N THR B 36 -19.21 -12.60 -16.11
CA THR B 36 -20.35 -12.61 -15.19
C THR B 36 -21.63 -12.80 -16.01
N GLY B 37 -21.60 -12.32 -17.25
CA GLY B 37 -22.76 -12.42 -18.14
C GLY B 37 -23.68 -11.21 -18.02
N MET B 38 -23.53 -10.48 -16.92
CA MET B 38 -24.36 -9.32 -16.63
C MET B 38 -23.93 -8.02 -17.31
N TYR B 39 -22.72 -7.97 -17.84
CA TYR B 39 -22.25 -6.73 -18.45
C TYR B 39 -21.55 -6.85 -19.78
N GLN B 40 -21.46 -5.70 -20.46
CA GLN B 40 -20.77 -5.56 -21.72
C GLN B 40 -19.97 -4.27 -21.56
N VAL B 41 -18.66 -4.40 -21.43
CA VAL B 41 -17.79 -3.23 -21.27
C VAL B 41 -17.68 -2.58 -22.65
N ILE B 42 -18.04 -1.31 -22.73
CA ILE B 42 -18.00 -0.62 -24.01
C ILE B 42 -16.84 0.36 -24.14
N GLN B 43 -16.25 0.76 -23.01
CA GLN B 43 -15.15 1.69 -23.05
C GLN B 43 -14.31 1.76 -21.78
N GLY B 44 -13.04 2.08 -21.98
CA GLY B 44 -12.11 2.24 -20.86
C GLY B 44 -11.56 3.65 -20.93
N ILE B 45 -11.38 4.28 -19.78
CA ILE B 45 -10.84 5.63 -19.74
C ILE B 45 -9.71 5.78 -18.74
N ILE B 46 -8.56 6.25 -19.22
CA ILE B 46 -7.38 6.48 -18.38
C ILE B 46 -7.41 7.97 -18.09
N SER B 47 -7.52 8.32 -16.82
CA SER B 47 -7.57 9.74 -16.46
C SER B 47 -6.42 10.10 -15.53
N PRO B 48 -5.31 10.61 -16.09
CA PRO B 48 -4.13 11.00 -15.33
C PRO B 48 -4.41 12.13 -14.35
N VAL B 49 -3.83 12.02 -13.16
CA VAL B 49 -4.00 13.03 -12.12
C VAL B 49 -3.41 14.38 -12.54
N ASN B 50 -3.94 15.44 -11.93
CA ASN B 50 -3.55 16.82 -12.15
C ASN B 50 -2.15 17.09 -11.56
N ASP B 51 -1.43 18.07 -12.11
CA ASP B 51 -0.09 18.35 -11.60
C ASP B 51 0.01 18.98 -10.22
N THR B 52 -1.09 19.51 -9.69
CA THR B 52 -1.03 20.12 -8.36
C THR B 52 -1.09 19.07 -7.26
N TYR B 53 -1.46 17.85 -7.64
CA TYR B 53 -1.59 16.73 -6.71
C TYR B 53 -0.38 16.41 -5.85
N GLY B 54 -0.67 16.12 -4.59
CA GLY B 54 0.34 15.76 -3.61
C GLY B 54 1.73 16.35 -3.75
N LYS B 55 2.73 15.56 -3.39
CA LYS B 55 4.11 15.99 -3.46
C LYS B 55 4.97 14.89 -4.08
N LYS B 56 5.47 15.13 -5.29
CA LYS B 56 6.30 14.15 -5.97
C LYS B 56 6.84 14.62 -7.33
N ASP B 57 7.80 13.86 -7.84
CA ASP B 57 8.45 14.12 -9.13
C ASP B 57 7.58 13.57 -10.27
N LEU B 58 6.43 14.20 -10.45
CA LEU B 58 5.48 13.81 -11.48
C LEU B 58 5.82 14.49 -12.79
N ALA B 59 5.87 13.75 -13.90
CA ALA B 59 6.17 14.40 -15.18
C ALA B 59 4.97 15.30 -15.48
N ALA B 60 5.20 16.39 -16.23
CA ALA B 60 4.11 17.31 -16.57
C ALA B 60 2.92 16.52 -17.12
N SER B 61 1.71 16.93 -16.77
CA SER B 61 0.50 16.22 -17.19
C SER B 61 0.36 16.00 -18.70
N HIS B 62 0.77 16.98 -19.51
CA HIS B 62 0.61 16.78 -20.95
C HIS B 62 1.51 15.63 -21.42
N HIS B 63 2.63 15.43 -20.72
CA HIS B 63 3.53 14.33 -21.08
C HIS B 63 2.89 13.00 -20.70
N ARG B 64 2.29 12.95 -19.50
CA ARG B 64 1.65 11.70 -19.05
C ARG B 64 0.46 11.36 -19.93
N VAL B 65 -0.28 12.38 -20.35
CA VAL B 65 -1.42 12.16 -21.24
C VAL B 65 -0.94 11.65 -22.61
N ALA B 66 0.12 12.26 -23.14
CA ALA B 66 0.69 11.87 -24.44
C ALA B 66 1.18 10.40 -24.43
N MET B 67 1.89 10.02 -23.37
CA MET B 67 2.38 8.64 -23.25
C MET B 67 1.25 7.66 -23.15
N ALA B 68 0.20 8.02 -22.41
CA ALA B 68 -0.95 7.12 -22.27
C ALA B 68 -1.63 6.99 -23.63
N ARG B 69 -1.73 8.10 -24.35
CA ARG B 69 -2.35 8.04 -25.69
C ARG B 69 -1.54 7.10 -26.58
N LEU B 70 -0.22 7.24 -26.56
CA LEU B 70 0.65 6.37 -27.36
C LEU B 70 0.50 4.92 -26.94
N ALA B 71 0.49 4.68 -25.64
CA ALA B 71 0.35 3.32 -25.11
C ALA B 71 -0.95 2.70 -25.58
N LEU B 72 -1.97 3.55 -25.77
CA LEU B 72 -3.31 3.07 -26.15
C LEU B 72 -3.60 3.06 -27.65
N GLN B 73 -2.62 3.43 -28.47
CA GLN B 73 -2.87 3.43 -29.91
C GLN B 73 -3.33 2.08 -30.44
N THR B 74 -2.86 0.97 -29.85
CA THR B 74 -3.28 -0.36 -30.32
C THR B 74 -4.52 -0.90 -29.60
N SER B 75 -5.17 -0.06 -28.82
CA SER B 75 -6.37 -0.49 -28.11
C SER B 75 -7.58 0.02 -28.88
N ASP B 76 -8.58 -0.83 -29.08
CA ASP B 76 -9.76 -0.36 -29.78
C ASP B 76 -10.89 -0.03 -28.82
N TRP B 77 -10.60 0.06 -27.51
CA TRP B 77 -11.66 0.37 -26.55
C TRP B 77 -11.27 1.24 -25.36
N ILE B 78 -9.97 1.39 -25.12
CA ILE B 78 -9.48 2.20 -24.01
C ILE B 78 -8.90 3.50 -24.56
N ARG B 79 -9.27 4.63 -23.96
CA ARG B 79 -8.72 5.91 -24.41
C ARG B 79 -8.32 6.74 -23.18
N VAL B 80 -7.46 7.72 -23.39
CA VAL B 80 -7.06 8.61 -22.31
C VAL B 80 -7.93 9.86 -22.38
N ASP B 81 -8.35 10.39 -21.23
CA ASP B 81 -9.15 11.62 -21.23
C ASP B 81 -8.43 12.59 -20.33
N PRO B 82 -7.90 13.68 -20.90
CA PRO B 82 -7.17 14.67 -20.13
C PRO B 82 -7.95 15.68 -19.31
N TRP B 83 -9.28 15.58 -19.30
CA TRP B 83 -10.07 16.55 -18.54
C TRP B 83 -9.55 16.75 -17.11
N GLU B 84 -9.41 15.67 -16.36
CA GLU B 84 -8.94 15.79 -14.99
C GLU B 84 -7.61 16.52 -14.84
N SER B 85 -6.63 16.16 -15.67
CA SER B 85 -5.32 16.79 -15.59
C SER B 85 -5.36 18.23 -16.05
N GLU B 86 -6.37 18.57 -16.86
CA GLU B 86 -6.49 19.94 -17.36
C GLU B 86 -7.21 20.90 -16.42
N GLN B 87 -7.79 20.39 -15.33
CA GLN B 87 -8.47 21.28 -14.41
C GLN B 87 -7.46 22.15 -13.68
N ALA B 88 -7.93 23.20 -13.04
CA ALA B 88 -7.02 24.10 -12.34
C ALA B 88 -6.33 23.43 -11.18
N GLN B 89 -7.09 22.67 -10.42
CA GLN B 89 -6.52 22.04 -9.25
C GLN B 89 -6.88 20.57 -9.18
N TRP B 90 -6.20 19.87 -8.28
CA TRP B 90 -6.45 18.46 -8.06
C TRP B 90 -7.91 18.32 -7.62
N MET B 91 -8.50 17.18 -7.91
CA MET B 91 -9.88 16.92 -7.53
C MET B 91 -10.04 15.53 -6.96
N GLU B 92 -10.93 15.38 -5.99
CA GLU B 92 -11.17 14.08 -5.37
C GLU B 92 -11.74 13.15 -6.43
N THR B 93 -11.43 11.87 -6.30
CA THR B 93 -11.87 10.87 -7.27
C THR B 93 -13.34 10.91 -7.61
N VAL B 94 -14.18 10.98 -6.60
CA VAL B 94 -15.61 10.99 -6.80
C VAL B 94 -16.04 12.13 -7.74
N LYS B 95 -15.33 13.26 -7.68
CA LYS B 95 -15.68 14.38 -8.54
C LYS B 95 -15.32 14.10 -10.00
N VAL B 96 -14.31 13.25 -10.20
CA VAL B 96 -13.95 12.91 -11.56
C VAL B 96 -14.99 11.92 -12.06
N LEU B 97 -15.49 11.05 -11.18
CA LEU B 97 -16.52 10.11 -11.59
C LEU B 97 -17.82 10.87 -11.98
N ARG B 98 -18.18 11.87 -11.20
CA ARG B 98 -19.38 12.66 -11.51
C ARG B 98 -19.25 13.30 -12.89
N HIS B 99 -18.12 13.95 -13.13
CA HIS B 99 -17.89 14.59 -14.44
C HIS B 99 -18.09 13.61 -15.60
N HIS B 100 -17.43 12.46 -15.53
CA HIS B 100 -17.56 11.48 -16.59
C HIS B 100 -18.95 10.86 -16.66
N HIS B 101 -19.63 10.78 -15.53
CA HIS B 101 -21.00 10.26 -15.54
C HIS B 101 -21.86 11.27 -16.34
N SER B 102 -21.66 12.55 -16.07
CA SER B 102 -22.38 13.62 -16.76
C SER B 102 -22.16 13.51 -18.27
N LYS B 103 -20.89 13.41 -18.68
CA LYS B 103 -20.56 13.31 -20.09
C LYS B 103 -21.28 12.13 -20.74
N LEU B 104 -21.46 11.05 -19.98
CA LEU B 104 -22.13 9.85 -20.50
C LEU B 104 -23.60 10.14 -20.79
N LEU B 105 -24.22 10.94 -19.93
CA LEU B 105 -25.63 11.30 -20.09
C LEU B 105 -25.74 12.34 -21.20
N ARG B 106 -24.65 13.05 -21.46
CA ARG B 106 -24.61 14.07 -22.51
C ARG B 106 -25.61 15.18 -22.23
N VAL B 127 -28.47 3.74 -20.59
CA VAL B 127 -27.30 4.53 -20.17
C VAL B 127 -26.30 3.58 -19.54
N PRO B 128 -24.99 3.80 -19.81
CA PRO B 128 -23.95 2.92 -19.26
C PRO B 128 -23.60 3.20 -17.80
N GLU B 129 -23.27 2.14 -17.06
CA GLU B 129 -22.87 2.27 -15.67
C GLU B 129 -21.37 2.59 -15.68
N LEU B 130 -21.00 3.61 -14.92
CA LEU B 130 -19.62 4.01 -14.83
C LEU B 130 -19.04 3.41 -13.54
N LYS B 131 -17.95 2.66 -13.69
CA LYS B 131 -17.29 2.03 -12.54
C LYS B 131 -15.83 2.47 -12.41
N LEU B 132 -15.38 2.65 -11.18
CA LEU B 132 -13.99 3.04 -10.96
C LEU B 132 -13.15 1.75 -11.07
N LEU B 133 -12.00 1.84 -11.75
CA LEU B 133 -11.14 0.67 -11.90
C LEU B 133 -9.86 0.92 -11.13
N CYS B 134 -9.44 -0.04 -10.31
CA CYS B 134 -8.20 0.17 -9.55
C CYS B 134 -7.61 -1.14 -9.06
N GLY B 135 -6.40 -1.04 -8.52
CA GLY B 135 -5.75 -2.23 -7.99
C GLY B 135 -6.19 -2.46 -6.56
N ALA B 136 -5.99 -3.68 -6.08
CA ALA B 136 -6.36 -4.02 -4.72
C ALA B 136 -5.64 -3.13 -3.69
N ASP B 137 -4.49 -2.57 -4.04
CA ASP B 137 -3.77 -1.70 -3.10
C ASP B 137 -4.54 -0.40 -2.85
N VAL B 138 -5.22 0.10 -3.88
CA VAL B 138 -6.00 1.33 -3.72
C VAL B 138 -7.16 1.02 -2.77
N LEU B 139 -7.71 -0.18 -2.91
CA LEU B 139 -8.82 -0.63 -2.10
C LEU B 139 -8.42 -0.60 -0.62
N LYS B 140 -7.19 -1.00 -0.33
CA LYS B 140 -6.74 -0.98 1.04
C LYS B 140 -6.66 0.44 1.61
N THR B 141 -6.46 1.46 0.77
CA THR B 141 -6.35 2.84 1.29
C THR B 141 -7.66 3.39 1.84
N PHE B 142 -8.78 2.73 1.53
CA PHE B 142 -10.07 3.20 2.03
C PHE B 142 -10.09 3.20 3.56
N GLN B 143 -9.19 2.42 4.15
CA GLN B 143 -9.10 2.29 5.61
C GLN B 143 -8.21 3.32 6.28
N THR B 144 -7.33 3.95 5.51
CA THR B 144 -6.40 4.92 6.08
C THR B 144 -7.09 6.16 6.66
N PRO B 145 -6.90 6.40 7.98
CA PRO B 145 -7.51 7.55 8.65
C PRO B 145 -7.27 8.86 7.90
N ASN B 146 -8.32 9.67 7.83
CA ASN B 146 -8.24 10.96 7.16
C ASN B 146 -7.74 10.86 5.73
N LEU B 147 -8.07 9.76 5.04
CA LEU B 147 -7.62 9.63 3.65
C LEU B 147 -8.78 9.67 2.66
N TRP B 148 -9.92 9.12 3.04
CA TRP B 148 -11.10 9.13 2.19
C TRP B 148 -12.30 9.51 3.05
N LYS B 149 -13.16 10.37 2.53
CA LYS B 149 -14.37 10.73 3.28
C LYS B 149 -15.28 9.53 3.12
N ASP B 150 -15.90 9.08 4.21
CA ASP B 150 -16.79 7.92 4.11
C ASP B 150 -17.89 8.15 3.08
N ALA B 151 -18.41 9.37 3.03
CA ALA B 151 -19.47 9.70 2.09
C ALA B 151 -19.00 9.40 0.66
N HIS B 152 -17.75 9.73 0.37
CA HIS B 152 -17.19 9.47 -0.96
C HIS B 152 -17.07 7.99 -1.26
N ILE B 153 -16.64 7.20 -0.27
CA ILE B 153 -16.53 5.76 -0.49
C ILE B 153 -17.93 5.20 -0.78
N GLN B 154 -18.91 5.65 0.01
CA GLN B 154 -20.27 5.18 -0.21
C GLN B 154 -20.76 5.54 -1.61
N GLU B 155 -20.53 6.79 -2.02
CA GLU B 155 -20.97 7.21 -3.35
C GLU B 155 -20.32 6.35 -4.46
N ILE B 156 -19.04 6.06 -4.31
CA ILE B 156 -18.36 5.26 -5.30
C ILE B 156 -19.03 3.89 -5.49
N VAL B 157 -19.32 3.19 -4.39
CA VAL B 157 -19.91 1.85 -4.52
C VAL B 157 -21.44 1.80 -4.55
N GLU B 158 -22.07 2.93 -4.29
CA GLU B 158 -23.53 2.99 -4.30
C GLU B 158 -24.09 3.64 -5.59
N LYS B 159 -23.52 4.79 -5.96
CA LYS B 159 -23.94 5.48 -7.18
C LYS B 159 -23.23 4.93 -8.42
N PHE B 160 -21.98 4.51 -8.24
CA PHE B 160 -21.23 3.98 -9.36
C PHE B 160 -20.91 2.52 -9.10
N GLY B 161 -19.65 2.16 -9.19
CA GLY B 161 -19.28 0.78 -8.95
C GLY B 161 -17.78 0.72 -8.83
N LEU B 162 -17.27 -0.44 -8.46
CA LEU B 162 -15.84 -0.58 -8.26
C LEU B 162 -15.38 -1.92 -8.81
N VAL B 163 -14.36 -1.90 -9.67
CA VAL B 163 -13.78 -3.14 -10.20
C VAL B 163 -12.33 -3.10 -9.70
N CYS B 164 -11.97 -4.12 -8.94
CA CYS B 164 -10.65 -4.19 -8.36
C CYS B 164 -9.84 -5.36 -8.92
N VAL B 165 -8.61 -5.08 -9.33
CA VAL B 165 -7.76 -6.15 -9.85
C VAL B 165 -6.82 -6.54 -8.72
N GLY B 166 -6.61 -7.85 -8.57
CA GLY B 166 -5.78 -8.34 -7.49
C GLY B 166 -4.32 -7.96 -7.57
N ARG B 167 -3.67 -7.89 -6.43
CA ARG B 167 -2.25 -7.55 -6.35
C ARG B 167 -1.65 -8.36 -5.21
N VAL B 168 -0.39 -8.75 -5.38
CA VAL B 168 0.33 -9.54 -4.39
C VAL B 168 0.34 -8.89 -3.03
N SER B 169 -0.04 -9.67 -2.01
CA SER B 169 -0.03 -9.16 -0.64
C SER B 169 -1.31 -8.48 -0.19
N HIS B 170 -2.30 -8.44 -1.07
CA HIS B 170 -3.57 -7.79 -0.72
C HIS B 170 -4.68 -8.80 -0.69
N ASP B 171 -5.63 -8.60 0.23
CA ASP B 171 -6.76 -9.51 0.34
C ASP B 171 -8.05 -8.70 0.19
N PRO B 172 -8.44 -8.38 -1.06
CA PRO B 172 -9.64 -7.60 -1.36
C PRO B 172 -10.90 -8.15 -0.68
N LYS B 173 -11.07 -9.47 -0.67
CA LYS B 173 -12.25 -10.03 -0.03
C LYS B 173 -12.34 -9.60 1.43
N GLY B 174 -11.19 -9.59 2.13
CA GLY B 174 -11.20 -9.18 3.52
C GLY B 174 -11.43 -7.68 3.68
N TYR B 175 -10.86 -6.90 2.77
CA TYR B 175 -11.02 -5.43 2.83
C TYR B 175 -12.51 -5.10 2.76
N ILE B 176 -13.21 -5.79 1.85
CA ILE B 176 -14.65 -5.58 1.70
C ILE B 176 -15.41 -6.01 2.95
N ALA B 177 -15.13 -7.22 3.42
CA ALA B 177 -15.85 -7.74 4.58
C ALA B 177 -15.66 -6.91 5.84
N GLU B 178 -14.49 -6.33 6.01
CA GLU B 178 -14.22 -5.54 7.20
C GLU B 178 -14.69 -4.08 7.14
N SER B 179 -15.15 -3.67 5.96
CA SER B 179 -15.62 -2.29 5.80
C SER B 179 -17.14 -2.24 5.89
N PRO B 180 -17.66 -1.51 6.89
CA PRO B 180 -19.12 -1.43 7.02
C PRO B 180 -19.77 -0.85 5.76
N ILE B 181 -19.06 0.06 5.09
CA ILE B 181 -19.62 0.65 3.88
C ILE B 181 -19.52 -0.31 2.68
N LEU B 182 -18.34 -0.87 2.44
CA LEU B 182 -18.15 -1.76 1.30
C LEU B 182 -18.98 -3.03 1.35
N ARG B 183 -19.07 -3.66 2.52
CA ARG B 183 -19.80 -4.92 2.57
C ARG B 183 -21.30 -4.77 2.31
N MET B 184 -21.80 -3.54 2.40
CA MET B 184 -23.22 -3.26 2.16
C MET B 184 -23.53 -3.04 0.68
N HIS B 185 -22.48 -2.92 -0.12
CA HIS B 185 -22.64 -2.65 -1.55
C HIS B 185 -21.86 -3.63 -2.42
N GLN B 186 -21.77 -4.88 -1.97
CA GLN B 186 -21.01 -5.89 -2.70
C GLN B 186 -21.50 -6.16 -4.11
N HIS B 187 -22.77 -5.88 -4.40
CA HIS B 187 -23.28 -6.11 -5.73
C HIS B 187 -22.57 -5.22 -6.75
N ASN B 188 -22.08 -4.06 -6.30
CA ASN B 188 -21.42 -3.12 -7.19
C ASN B 188 -19.90 -3.16 -7.09
N ILE B 189 -19.37 -4.16 -6.39
CA ILE B 189 -17.92 -4.28 -6.27
C ILE B 189 -17.56 -5.57 -6.98
N HIS B 190 -16.64 -5.49 -7.91
CA HIS B 190 -16.27 -6.68 -8.67
C HIS B 190 -14.78 -6.98 -8.47
N LEU B 191 -14.49 -8.17 -7.97
CA LEU B 191 -13.10 -8.55 -7.73
C LEU B 191 -12.61 -9.38 -8.89
N ALA B 192 -11.69 -8.82 -9.68
CA ALA B 192 -11.12 -9.52 -10.83
C ALA B 192 -9.80 -10.14 -10.37
N LYS B 193 -9.64 -11.43 -10.62
CA LYS B 193 -8.42 -12.14 -10.21
C LYS B 193 -7.34 -12.07 -11.27
N GLU B 194 -6.12 -11.75 -10.84
CA GLU B 194 -4.97 -11.67 -11.76
C GLU B 194 -4.09 -12.90 -11.57
N PRO B 195 -4.32 -13.94 -12.37
CA PRO B 195 -3.58 -15.21 -12.36
C PRO B 195 -2.11 -15.11 -12.77
N VAL B 196 -1.68 -13.91 -13.13
CA VAL B 196 -0.30 -13.65 -13.54
C VAL B 196 0.39 -12.66 -12.61
N GLN B 197 1.48 -13.09 -12.01
CA GLN B 197 2.25 -12.28 -11.09
C GLN B 197 2.95 -11.17 -11.87
N ASN B 198 2.36 -9.97 -11.88
CA ASN B 198 2.96 -8.87 -12.62
C ASN B 198 3.01 -7.63 -11.75
N GLU B 199 3.98 -7.59 -10.85
CA GLU B 199 4.14 -6.50 -9.93
C GLU B 199 5.14 -5.42 -10.40
N ILE B 200 4.83 -4.77 -11.50
CA ILE B 200 5.67 -3.69 -12.04
C ILE B 200 5.28 -2.40 -11.33
N SER B 201 6.22 -1.70 -10.69
CA SER B 201 5.83 -0.44 -10.12
C SER B 201 6.46 0.66 -10.95
N ALA B 202 5.71 1.73 -11.16
CA ALA B 202 6.22 2.86 -11.93
C ALA B 202 7.45 3.48 -11.22
N THR B 203 7.49 3.40 -9.90
CA THR B 203 8.64 3.95 -9.17
C THR B 203 9.91 3.26 -9.66
N TYR B 204 9.83 1.95 -9.80
CA TYR B 204 10.98 1.20 -10.26
C TYR B 204 11.31 1.61 -11.70
N ILE B 205 10.28 1.75 -12.55
CA ILE B 205 10.49 2.16 -13.96
C ILE B 205 11.27 3.49 -14.01
N ARG B 206 10.85 4.45 -13.20
CA ARG B 206 11.52 5.74 -13.18
C ARG B 206 12.95 5.61 -12.71
N ARG B 207 13.18 4.81 -11.66
CA ARG B 207 14.55 4.65 -11.15
C ARG B 207 15.45 3.98 -12.19
N ALA B 208 14.92 2.96 -12.86
CA ALA B 208 15.67 2.24 -13.89
C ALA B 208 16.07 3.21 -15.00
N LEU B 209 15.10 3.96 -15.49
CA LEU B 209 15.35 4.93 -16.57
C LEU B 209 16.42 5.93 -16.15
N GLY B 210 16.33 6.38 -14.91
CA GLY B 210 17.30 7.35 -14.41
C GLY B 210 18.70 6.78 -14.38
N GLN B 211 18.81 5.47 -14.18
CA GLN B 211 20.10 4.79 -14.13
C GLN B 211 20.53 4.36 -15.52
N GLY B 212 19.71 4.68 -16.52
CA GLY B 212 20.03 4.32 -17.88
C GLY B 212 19.82 2.85 -18.20
N GLN B 213 19.01 2.18 -17.39
CA GLN B 213 18.73 0.76 -17.60
C GLN B 213 17.50 0.57 -18.51
N SER B 214 17.37 -0.62 -19.09
CA SER B 214 16.24 -0.91 -19.95
C SER B 214 14.95 -1.17 -19.21
N VAL B 215 13.83 -0.72 -19.79
CA VAL B 215 12.51 -0.99 -19.25
C VAL B 215 11.69 -1.55 -20.43
N LYS B 216 12.38 -1.88 -21.51
CA LYS B 216 11.72 -2.45 -22.67
C LYS B 216 10.98 -3.73 -22.22
N TYR B 217 9.77 -3.90 -22.76
CA TYR B 217 8.89 -5.02 -22.45
C TYR B 217 8.20 -4.89 -21.11
N LEU B 218 8.43 -3.78 -20.41
CA LEU B 218 7.76 -3.50 -19.14
C LEU B 218 6.71 -2.41 -19.39
N ILE B 219 7.01 -1.52 -20.35
CA ILE B 219 6.09 -0.44 -20.74
C ILE B 219 6.13 -0.41 -22.27
N PRO B 220 5.11 0.18 -22.91
CA PRO B 220 5.10 0.22 -24.37
C PRO B 220 6.31 0.86 -25.07
N ASP B 221 6.72 0.26 -26.18
CA ASP B 221 7.85 0.75 -26.96
C ASP B 221 7.69 2.23 -27.29
N ALA B 222 6.49 2.62 -27.71
CA ALA B 222 6.25 4.00 -28.09
C ALA B 222 6.44 4.94 -26.92
N VAL B 223 6.09 4.48 -25.72
CA VAL B 223 6.25 5.31 -24.52
C VAL B 223 7.74 5.49 -24.21
N ILE B 224 8.51 4.43 -24.42
CA ILE B 224 9.95 4.49 -24.18
C ILE B 224 10.54 5.54 -25.13
N THR B 225 10.09 5.52 -26.38
CA THR B 225 10.57 6.47 -27.38
C THR B 225 10.23 7.90 -26.97
N TYR B 226 9.00 8.11 -26.54
CA TYR B 226 8.57 9.44 -26.13
C TYR B 226 9.41 9.94 -24.96
N ILE B 227 9.64 9.07 -23.98
CA ILE B 227 10.43 9.41 -22.80
C ILE B 227 11.83 9.86 -23.23
N LYS B 228 12.43 9.11 -24.15
CA LYS B 228 13.77 9.44 -24.64
C LYS B 228 13.74 10.76 -25.42
N ASP B 229 12.79 10.89 -26.34
CA ASP B 229 12.67 12.10 -27.13
C ASP B 229 12.53 13.36 -26.28
N HIS B 230 11.75 13.27 -25.22
CA HIS B 230 11.51 14.44 -24.39
C HIS B 230 12.34 14.55 -23.14
N GLY B 231 13.32 13.65 -23.02
CA GLY B 231 14.21 13.66 -21.86
C GLY B 231 13.52 13.54 -20.52
N LEU B 232 12.50 12.70 -20.43
CA LEU B 232 11.81 12.56 -19.16
C LEU B 232 12.55 11.57 -18.25
N TYR B 233 12.31 11.68 -16.95
CA TYR B 233 12.90 10.80 -15.94
C TYR B 233 14.43 10.65 -15.99
N THR B 234 15.12 11.73 -16.30
CA THR B 234 16.58 11.66 -16.33
C THR B 234 17.05 12.08 -14.94
#